data_1E9V
#
_entry.id   1E9V
#
_cell.length_a   63.620
_cell.length_b   64.598
_cell.length_c   152.254
_cell.angle_alpha   90.00
_cell.angle_beta   90.00
_cell.angle_gamma   90.00
#
_symmetry.space_group_name_H-M   'P 21 21 21'
#
loop_
_entity.id
_entity.type
_entity.pdbx_description
1 polymer 'HYDROXYLAMINE REDUCTASE'
2 non-polymer 'IRON/SULFUR/OXYGEN HYBRID CLUSTER'
3 non-polymer 'IRON/SULFUR CLUSTER'
4 non-polymer XENON
5 non-polymer 1,2-ETHANEDIOL
6 non-polymer 'ACETIC ACID'
7 non-polymer GLYCEROL
8 non-polymer 2-AMINO-2-HYDROXYMETHYL-PROPANE-1,3-DIOL
9 water water
#
_entity_poly.entity_id   1
_entity_poly.type   'polypeptide(L)'
_entity_poly.pdbx_seq_one_letter_code
;MFCFQCQETAKNTGCTVKGMCGKPEETANLQDLLIFVLRGIAIYGEKLKELGQPDRSNDDFVLQGLFATITNANWDDARF
EAMISEGLARRDKLRNAFLAVYKAKNGKDFSEPLPEAATWTGDSTAFAEKAKSVGILATENEDVRSLRELLIIGLKGVAA
YAEHAAVLGFRKTEIDEFMLEALASTTKDLSVDEMVALVMKAGGMAVTTMALLDEANTTTYGNPEITQVNIGVGKNPGIL
ISGHDLKDMAELLKQTEGTGVDVYTHGEMLPANYYPAFKKYPHFVGNYGGSWWQQNPEFESFNGPILLTTNCLVPLKKEN
TYLDRLYTTGVVGYEGAKHIADRPAGGAKDFSALIAQAKKCPPPVEIETGSIVGGFAHHQVLALADKVVEAVKSGAIKRF
VVMAG(CSS)DGRQKSRSYYTEVAENLPKDTVILTAGCAKYRYNKLNLGDIGGIPRVLDAGQCNDSYSLAVIALKLKEVF
GLDDINDLPVSYDIAWYEQKAVAVLLALLFLGVKGIRLGPTLPAFLSPNVAKVLVENFNIKPIGTVQDDIAAMMAGK
;
_entity_poly.pdbx_strand_id   A
#
# COMPACT_ATOMS: atom_id res chain seq x y z
N MET A 1 20.17 13.53 -4.79
CA MET A 1 18.72 13.17 -4.76
C MET A 1 18.09 13.63 -3.44
N PHE A 2 16.77 13.50 -3.35
CA PHE A 2 16.13 13.73 -2.07
C PHE A 2 14.83 12.92 -2.05
N CYS A 3 14.77 11.99 -1.10
CA CYS A 3 13.54 11.20 -0.93
C CYS A 3 13.38 10.94 0.56
N PHE A 4 12.14 11.07 1.09
CA PHE A 4 11.97 10.82 2.54
C PHE A 4 10.60 10.18 2.77
N GLN A 5 10.09 9.48 1.75
CA GLN A 5 8.72 8.95 1.89
C GLN A 5 8.54 7.66 2.66
N CYS A 6 9.56 6.91 3.05
CA CYS A 6 9.32 5.68 3.79
C CYS A 6 9.96 5.77 5.18
N GLN A 7 9.61 4.81 6.02
CA GLN A 7 10.05 4.82 7.43
C GLN A 7 11.57 4.65 7.55
N GLU A 8 12.22 3.98 6.59
CA GLU A 8 13.66 3.75 6.67
C GLU A 8 14.53 4.85 6.08
N THR A 9 13.96 6.02 5.80
CA THR A 9 14.75 7.11 5.23
C THR A 9 15.96 7.40 6.11
N ALA A 10 17.05 7.80 5.47
CA ALA A 10 18.32 8.01 6.16
C ALA A 10 18.22 9.03 7.27
N LYS A 11 18.68 8.59 8.45
CA LYS A 11 18.73 9.37 9.68
C LYS A 11 17.37 9.89 10.13
N ASN A 12 16.30 9.31 9.62
CA ASN A 12 14.95 9.82 9.76
C ASN A 12 14.85 11.26 9.27
N THR A 13 15.63 11.72 8.28
CA THR A 13 15.52 13.06 7.73
C THR A 13 15.39 13.03 6.21
N GLY A 14 16.02 12.04 5.56
CA GLY A 14 15.91 11.99 4.09
C GLY A 14 17.15 11.35 3.44
N CYS A 15 16.90 10.58 2.39
CA CYS A 15 17.97 9.95 1.64
C CYS A 15 18.49 10.90 0.57
N THR A 16 19.81 11.16 0.58
CA THR A 16 20.33 12.17 -0.35
C THR A 16 21.39 11.73 -1.33
N VAL A 17 21.93 10.54 -1.20
CA VAL A 17 22.94 10.06 -2.16
C VAL A 17 22.42 8.78 -2.82
N LYS A 18 22.07 7.83 -1.95
CA LYS A 18 21.48 6.58 -2.44
C LYS A 18 20.41 6.17 -1.43
N GLY A 19 19.26 5.73 -1.91
CA GLY A 19 18.22 5.35 -0.92
C GLY A 19 18.70 4.23 -0.01
N MET A 20 18.14 4.19 1.20
CA MET A 20 18.39 3.08 2.13
C MET A 20 17.77 1.80 1.58
N CYS A 21 16.76 1.95 0.71
CA CYS A 21 16.07 0.87 0.05
C CYS A 21 16.88 0.35 -1.15
N GLY A 22 17.83 1.14 -1.60
CA GLY A 22 18.70 0.82 -2.72
C GLY A 22 18.50 1.74 -3.91
N LYS A 23 17.48 2.62 -3.85
CA LYS A 23 17.14 3.48 -4.98
C LYS A 23 18.27 4.44 -5.31
N PRO A 24 18.83 4.31 -6.51
CA PRO A 24 19.92 5.16 -6.93
C PRO A 24 19.40 6.53 -7.29
N GLU A 25 20.33 7.48 -7.29
CA GLU A 25 20.03 8.85 -7.64
C GLU A 25 19.31 9.02 -8.95
N GLU A 26 19.74 8.35 -10.03
CA GLU A 26 19.08 8.53 -11.31
C GLU A 26 17.62 8.07 -11.23
N THR A 27 17.37 6.96 -10.54
CA THR A 27 15.98 6.47 -10.44
C THR A 27 15.13 7.39 -9.57
N ALA A 28 15.68 7.82 -8.43
CA ALA A 28 14.92 8.74 -7.56
C ALA A 28 14.54 10.00 -8.31
N ASN A 29 15.50 10.57 -9.04
CA ASN A 29 15.23 11.82 -9.78
C ASN A 29 14.23 11.56 -10.89
N LEU A 30 14.30 10.44 -11.61
CA LEU A 30 13.28 10.18 -12.63
C LEU A 30 11.88 10.06 -12.03
N GLN A 31 11.76 9.47 -10.84
CA GLN A 31 10.44 9.43 -10.17
C GLN A 31 9.99 10.85 -9.87
N ASP A 32 10.87 11.74 -9.40
CA ASP A 32 10.47 13.12 -9.20
C ASP A 32 9.99 13.76 -10.51
N LEU A 33 10.68 13.50 -11.61
CA LEU A 33 10.26 14.09 -12.90
C LEU A 33 8.91 13.54 -13.32
N LEU A 34 8.66 12.25 -13.10
CA LEU A 34 7.31 11.73 -13.46
C LEU A 34 6.24 12.42 -12.61
N ILE A 35 6.50 12.64 -11.32
CA ILE A 35 5.47 13.32 -10.49
C ILE A 35 5.26 14.73 -11.01
N PHE A 36 6.35 15.40 -11.39
CA PHE A 36 6.26 16.75 -12.00
C PHE A 36 5.37 16.71 -13.23
N VAL A 37 5.50 15.72 -14.11
CA VAL A 37 4.65 15.62 -15.30
C VAL A 37 3.21 15.31 -14.91
N LEU A 38 3.01 14.52 -13.87
CA LEU A 38 1.64 14.25 -13.39
C LEU A 38 1.02 15.51 -12.86
N ARG A 39 1.78 16.41 -12.21
CA ARG A 39 1.18 17.67 -11.76
C ARG A 39 0.74 18.50 -12.99
N GLY A 40 1.50 18.45 -14.06
CA GLY A 40 1.14 19.15 -15.29
C GLY A 40 -0.18 18.66 -15.88
N ILE A 41 -0.32 17.34 -15.98
CA ILE A 41 -1.59 16.72 -16.42
C ILE A 41 -2.70 17.22 -15.50
N ALA A 42 -2.43 17.19 -14.18
CA ALA A 42 -3.48 17.58 -13.22
C ALA A 42 -3.94 19.03 -13.39
N ILE A 43 -3.01 19.95 -13.63
CA ILE A 43 -3.37 21.35 -13.81
C ILE A 43 -4.44 21.47 -14.91
N TYR A 44 -4.18 20.90 -16.08
CA TYR A 44 -5.16 21.03 -17.17
C TYR A 44 -6.40 20.19 -16.95
N GLY A 45 -6.22 19.00 -16.36
CA GLY A 45 -7.33 18.08 -16.12
C GLY A 45 -8.34 18.73 -15.16
N GLU A 46 -7.79 19.42 -14.15
CA GLU A 46 -8.61 20.10 -13.16
C GLU A 46 -9.35 21.27 -13.81
N LYS A 47 -8.67 22.03 -14.67
CA LYS A 47 -9.30 23.16 -15.36
C LYS A 47 -10.40 22.69 -16.30
N LEU A 48 -10.18 21.58 -17.00
CA LEU A 48 -11.21 21.07 -17.91
C LEU A 48 -12.46 20.70 -17.11
N LYS A 49 -12.30 20.05 -15.96
CA LYS A 49 -13.43 19.71 -15.11
C LYS A 49 -14.15 20.97 -14.65
N GLU A 50 -13.40 21.99 -14.22
CA GLU A 50 -13.98 23.26 -13.82
C GLU A 50 -14.76 23.97 -14.93
N LEU A 51 -14.33 23.84 -16.18
CA LEU A 51 -15.04 24.41 -17.32
C LEU A 51 -16.23 23.57 -17.77
N GLY A 52 -16.52 22.46 -17.11
CA GLY A 52 -17.65 21.61 -17.47
C GLY A 52 -17.39 20.63 -18.58
N GLN A 53 -16.11 20.37 -18.90
CA GLN A 53 -15.73 19.41 -19.93
C GLN A 53 -14.63 18.48 -19.42
N PRO A 54 -14.89 17.74 -18.36
CA PRO A 54 -13.90 16.83 -17.78
C PRO A 54 -13.44 15.79 -18.79
N ASP A 55 -12.16 15.42 -18.66
CA ASP A 55 -11.56 14.43 -19.55
C ASP A 55 -10.98 13.37 -18.59
N ARG A 56 -11.53 12.18 -18.65
CA ARG A 56 -11.09 11.10 -17.75
C ARG A 56 -10.20 10.08 -18.45
N SER A 57 -9.68 10.45 -19.62
CA SER A 57 -8.88 9.55 -20.42
C SER A 57 -7.52 9.21 -19.79
N ASN A 58 -7.06 9.95 -18.80
CA ASN A 58 -5.78 9.65 -18.18
C ASN A 58 -5.93 9.03 -16.80
N ASP A 59 -7.14 8.63 -16.40
CA ASP A 59 -7.31 8.08 -15.05
C ASP A 59 -6.33 6.97 -14.71
N ASP A 60 -6.28 5.93 -15.54
CA ASP A 60 -5.40 4.80 -15.19
C ASP A 60 -3.92 5.15 -15.29
N PHE A 61 -3.55 6.01 -16.25
CA PHE A 61 -2.17 6.45 -16.38
C PHE A 61 -1.73 7.15 -15.09
N VAL A 62 -2.59 8.02 -14.55
CA VAL A 62 -2.27 8.72 -13.30
C VAL A 62 -2.16 7.77 -12.12
N LEU A 63 -3.09 6.83 -11.96
CA LEU A 63 -2.95 5.89 -10.84
C LEU A 63 -1.67 5.07 -10.98
N GLN A 64 -1.39 4.55 -12.17
CA GLN A 64 -0.18 3.73 -12.35
C GLN A 64 1.10 4.53 -12.19
N GLY A 65 1.07 5.78 -12.63
CA GLY A 65 2.26 6.64 -12.48
C GLY A 65 2.59 6.86 -11.01
N LEU A 66 1.55 7.20 -10.22
CA LEU A 66 1.77 7.39 -8.79
C LEU A 66 2.23 6.12 -8.09
N PHE A 67 1.61 4.99 -8.42
CA PHE A 67 1.95 3.70 -7.82
C PHE A 67 3.38 3.27 -8.12
N ALA A 68 3.86 3.55 -9.35
CA ALA A 68 5.21 3.23 -9.73
C ALA A 68 6.26 3.94 -8.88
N THR A 69 5.96 5.06 -8.26
CA THR A 69 6.86 5.81 -7.39
C THR A 69 6.78 5.43 -5.92
N ILE A 70 5.97 4.43 -5.57
CA ILE A 70 5.91 3.89 -4.21
C ILE A 70 7.18 3.11 -3.89
N THR A 71 7.57 3.14 -2.61
CA THR A 71 8.77 2.44 -2.18
C THR A 71 8.78 0.99 -2.65
N ASN A 72 9.91 0.59 -3.26
CA ASN A 72 10.18 -0.77 -3.73
C ASN A 72 9.24 -1.22 -4.83
N ALA A 73 8.66 -0.28 -5.59
CA ALA A 73 7.71 -0.71 -6.62
C ALA A 73 8.38 -0.87 -7.98
N ASN A 74 9.18 0.10 -8.42
CA ASN A 74 9.73 -0.02 -9.78
C ASN A 74 11.13 0.59 -9.81
N TRP A 75 12.07 -0.23 -10.29
CA TRP A 75 13.47 0.11 -10.33
C TRP A 75 14.04 0.31 -11.72
N ASP A 76 13.19 0.23 -12.74
CA ASP A 76 13.67 0.27 -14.12
C ASP A 76 13.56 1.65 -14.70
N ASP A 77 14.72 2.32 -14.88
CA ASP A 77 14.73 3.68 -15.40
C ASP A 77 14.09 3.79 -16.77
N ALA A 78 14.19 2.74 -17.59
CA ALA A 78 13.58 2.77 -18.91
C ALA A 78 12.07 2.90 -18.79
N ARG A 79 11.47 2.25 -17.79
CA ARG A 79 10.03 2.34 -17.55
C ARG A 79 9.68 3.79 -17.19
N PHE A 80 10.44 4.40 -16.29
CA PHE A 80 10.17 5.78 -15.93
C PHE A 80 10.36 6.72 -17.10
N GLU A 81 11.39 6.59 -17.91
CA GLU A 81 11.55 7.45 -19.09
C GLU A 81 10.35 7.31 -20.04
N ALA A 82 9.89 6.07 -20.23
CA ALA A 82 8.73 5.84 -21.09
C ALA A 82 7.49 6.50 -20.52
N MET A 83 7.30 6.44 -19.20
CA MET A 83 6.12 7.03 -18.58
C MET A 83 6.19 8.55 -18.66
N ILE A 84 7.41 9.09 -18.51
CA ILE A 84 7.54 10.56 -18.60
C ILE A 84 7.23 11.01 -20.01
N SER A 85 7.76 10.31 -21.04
CA SER A 85 7.48 10.71 -22.41
C SER A 85 5.99 10.65 -22.70
N GLU A 86 5.35 9.56 -22.29
CA GLU A 86 3.92 9.37 -22.48
C GLU A 86 3.11 10.40 -21.73
N GLY A 87 3.52 10.73 -20.49
CA GLY A 87 2.80 11.75 -19.73
C GLY A 87 2.90 13.12 -20.40
N LEU A 88 4.05 13.46 -20.97
CA LEU A 88 4.17 14.74 -21.67
C LEU A 88 3.18 14.80 -22.84
N ALA A 89 3.08 13.72 -23.63
CA ALA A 89 2.13 13.65 -24.72
C ALA A 89 0.69 13.76 -24.22
N ARG A 90 0.36 13.08 -23.12
CA ARG A 90 -0.98 13.15 -22.56
C ARG A 90 -1.25 14.56 -22.06
N ARG A 91 -0.27 15.18 -21.38
CA ARG A 91 -0.45 16.54 -20.89
C ARG A 91 -0.76 17.51 -22.03
N ASP A 92 0.07 17.41 -23.09
CA ASP A 92 -0.11 18.31 -24.23
C ASP A 92 -1.48 18.19 -24.87
N LYS A 93 -2.06 16.98 -24.95
CA LYS A 93 -3.39 16.80 -25.47
C LYS A 93 -4.40 17.51 -24.59
N LEU A 94 -4.25 17.38 -23.24
CA LEU A 94 -5.15 18.10 -22.35
C LEU A 94 -4.97 19.61 -22.51
N ARG A 95 -3.73 20.06 -22.64
CA ARG A 95 -3.48 21.50 -22.80
C ARG A 95 -4.20 22.04 -24.03
N ASN A 96 -4.04 21.34 -25.16
CA ASN A 96 -4.70 21.79 -26.40
C ASN A 96 -6.21 21.81 -26.27
N ALA A 97 -6.81 20.82 -25.62
CA ALA A 97 -8.24 20.79 -25.38
C ALA A 97 -8.64 21.95 -24.46
N PHE A 98 -7.87 22.19 -23.40
CA PHE A 98 -8.14 23.30 -22.49
C PHE A 98 -8.12 24.66 -23.18
N LEU A 99 -7.08 24.90 -23.99
CA LEU A 99 -6.92 26.20 -24.64
C LEU A 99 -8.13 26.49 -25.52
N ALA A 100 -8.62 25.51 -26.26
CA ALA A 100 -9.80 25.75 -27.11
C ALA A 100 -11.05 26.00 -26.29
N VAL A 101 -11.26 25.24 -25.23
CA VAL A 101 -12.47 25.44 -24.41
C VAL A 101 -12.40 26.77 -23.69
N TYR A 102 -11.23 27.12 -23.16
CA TYR A 102 -11.07 28.39 -22.46
C TYR A 102 -11.42 29.50 -23.47
N LYS A 103 -10.84 29.43 -24.67
CA LYS A 103 -11.11 30.53 -25.62
C LYS A 103 -12.59 30.65 -25.96
N ALA A 104 -13.29 29.53 -26.13
CA ALA A 104 -14.73 29.56 -26.45
C ALA A 104 -15.55 30.17 -25.32
N LYS A 105 -15.16 29.85 -24.07
CA LYS A 105 -15.91 30.34 -22.93
C LYS A 105 -15.53 31.75 -22.53
N ASN A 106 -14.35 32.22 -22.84
CA ASN A 106 -13.91 33.54 -22.39
C ASN A 106 -13.81 34.59 -23.51
N GLY A 107 -13.85 34.17 -24.76
CA GLY A 107 -13.71 35.12 -25.88
C GLY A 107 -12.32 35.67 -26.03
N LYS A 108 -11.27 35.00 -25.53
CA LYS A 108 -9.89 35.43 -25.65
C LYS A 108 -8.95 34.25 -25.39
N ASP A 109 -7.72 34.36 -25.85
CA ASP A 109 -6.73 33.29 -25.59
C ASP A 109 -6.41 33.24 -24.10
N PHE A 110 -6.14 32.04 -23.59
CA PHE A 110 -5.69 31.94 -22.19
C PHE A 110 -4.33 32.64 -22.10
N SER A 111 -4.07 33.40 -21.02
CA SER A 111 -2.79 34.10 -20.94
C SER A 111 -2.26 34.12 -19.51
N GLU A 112 -2.91 33.40 -18.60
CA GLU A 112 -2.37 33.44 -17.22
C GLU A 112 -1.11 32.61 -17.10
N PRO A 113 -0.15 33.05 -16.30
CA PRO A 113 1.08 32.31 -16.07
C PRO A 113 0.79 30.96 -15.45
N LEU A 114 1.45 29.91 -15.90
CA LEU A 114 1.29 28.58 -15.32
C LEU A 114 2.61 28.08 -14.77
N PRO A 115 2.53 27.21 -13.75
CA PRO A 115 3.69 26.58 -13.18
C PRO A 115 4.42 25.84 -14.28
N GLU A 116 5.71 25.60 -14.14
CA GLU A 116 6.52 24.94 -15.16
C GLU A 116 6.09 23.50 -15.46
N ALA A 117 5.45 22.85 -14.49
CA ALA A 117 4.97 21.48 -14.68
C ALA A 117 3.98 21.43 -15.85
N ALA A 118 3.25 22.53 -16.09
CA ALA A 118 2.29 22.54 -17.18
C ALA A 118 2.92 22.79 -18.54
N THR A 119 4.15 23.30 -18.64
CA THR A 119 4.69 23.65 -19.95
C THR A 119 6.03 23.08 -20.34
N TRP A 120 6.85 22.66 -19.38
CA TRP A 120 8.18 22.16 -19.69
C TRP A 120 8.11 20.94 -20.59
N THR A 121 9.01 20.86 -21.57
CA THR A 121 9.06 19.67 -22.40
C THR A 121 10.50 19.39 -22.83
N GLY A 122 10.72 18.15 -23.22
CA GLY A 122 12.06 17.76 -23.69
C GLY A 122 12.02 16.30 -24.09
N ASP A 123 13.06 15.89 -24.85
CA ASP A 123 13.12 14.47 -25.23
C ASP A 123 13.80 13.76 -24.06
N SER A 124 14.03 12.47 -24.14
CA SER A 124 14.56 11.73 -23.00
C SER A 124 15.97 12.12 -22.62
N THR A 125 16.75 12.75 -23.52
CA THR A 125 18.10 13.19 -23.20
C THR A 125 18.10 14.30 -22.17
N ALA A 126 17.02 15.11 -22.13
CA ALA A 126 16.91 16.21 -21.21
C ALA A 126 16.39 15.76 -19.84
N PHE A 127 15.94 14.51 -19.70
CA PHE A 127 15.29 14.15 -18.44
C PHE A 127 16.18 14.14 -17.21
N ALA A 128 17.37 13.54 -17.29
CA ALA A 128 18.22 13.45 -16.09
C ALA A 128 18.54 14.81 -15.50
N GLU A 129 18.87 15.78 -16.35
CA GLU A 129 19.23 17.10 -15.84
C GLU A 129 18.04 17.87 -15.30
N LYS A 130 16.91 17.81 -16.03
CA LYS A 130 15.72 18.51 -15.56
C LYS A 130 15.22 17.94 -14.24
N ALA A 131 15.26 16.62 -14.10
CA ALA A 131 14.81 15.95 -12.89
C ALA A 131 15.47 16.48 -11.62
N LYS A 132 16.74 16.90 -11.68
CA LYS A 132 17.40 17.41 -10.48
C LYS A 132 16.77 18.66 -9.87
N SER A 133 16.05 19.48 -10.61
CA SER A 133 15.51 20.72 -10.06
C SER A 133 14.01 20.69 -9.81
N VAL A 134 13.36 19.56 -10.06
CA VAL A 134 11.92 19.48 -9.86
C VAL A 134 11.55 18.58 -8.68
N GLY A 135 12.53 18.32 -7.84
CA GLY A 135 12.34 17.48 -6.68
C GLY A 135 11.72 18.19 -5.49
N ILE A 136 11.65 17.42 -4.42
CA ILE A 136 11.02 17.83 -3.17
C ILE A 136 11.59 19.11 -2.59
N LEU A 137 12.89 19.30 -2.68
CA LEU A 137 13.52 20.50 -2.12
C LEU A 137 13.29 21.75 -2.92
N ALA A 138 12.58 21.69 -4.04
CA ALA A 138 12.20 22.91 -4.76
C ALA A 138 11.18 23.71 -3.95
N THR A 139 10.47 23.10 -2.99
CA THR A 139 9.60 23.83 -2.09
C THR A 139 10.49 24.28 -0.91
N GLU A 140 10.74 25.59 -0.83
CA GLU A 140 11.62 26.14 0.19
C GLU A 140 11.02 26.20 1.59
N ASN A 141 9.73 26.47 1.71
CA ASN A 141 9.07 26.58 3.01
C ASN A 141 8.86 25.18 3.56
N GLU A 142 9.46 24.89 4.70
CA GLU A 142 9.40 23.54 5.29
C GLU A 142 8.00 23.06 5.59
N ASP A 143 7.12 23.97 5.99
CA ASP A 143 5.75 23.58 6.34
C ASP A 143 4.94 23.29 5.08
N VAL A 144 5.13 24.11 4.05
CA VAL A 144 4.46 23.88 2.77
C VAL A 144 5.00 22.57 2.21
N ARG A 145 6.31 22.35 2.30
CA ARG A 145 6.89 21.10 1.81
C ARG A 145 6.27 19.91 2.53
N SER A 146 6.15 20.01 3.86
CA SER A 146 5.61 18.88 4.64
C SER A 146 4.17 18.59 4.28
N LEU A 147 3.35 19.64 4.13
CA LEU A 147 1.93 19.41 3.78
C LEU A 147 1.71 18.93 2.37
N ARG A 148 2.54 19.43 1.44
CA ARG A 148 2.40 18.96 0.06
C ARG A 148 2.84 17.51 -0.07
N GLU A 149 3.99 17.21 0.57
CA GLU A 149 4.49 15.83 0.45
C GLU A 149 3.64 14.87 1.25
N LEU A 150 3.09 15.29 2.41
CA LEU A 150 2.18 14.38 3.14
C LEU A 150 0.98 14.05 2.24
N LEU A 151 0.49 15.09 1.56
CA LEU A 151 -0.64 14.86 0.64
C LEU A 151 -0.30 13.90 -0.49
N ILE A 152 0.85 14.07 -1.12
CA ILE A 152 1.25 13.22 -2.25
C ILE A 152 1.54 11.78 -1.80
N ILE A 153 2.16 11.68 -0.64
CA ILE A 153 2.44 10.33 -0.11
C ILE A 153 1.16 9.61 0.20
N GLY A 154 0.22 10.30 0.88
CA GLY A 154 -1.09 9.69 1.16
C GLY A 154 -1.78 9.34 -0.15
N LEU A 155 -1.72 10.25 -1.12
CA LEU A 155 -2.37 10.05 -2.40
C LEU A 155 -1.82 8.86 -3.17
N LYS A 156 -0.51 8.62 -3.13
CA LYS A 156 0.01 7.46 -3.86
C LYS A 156 -0.44 6.17 -3.19
N GLY A 157 -0.65 6.17 -1.88
CA GLY A 157 -1.20 4.98 -1.22
C GLY A 157 -2.64 4.76 -1.70
N VAL A 158 -3.43 5.86 -1.76
CA VAL A 158 -4.81 5.75 -2.27
C VAL A 158 -4.81 5.27 -3.71
N ALA A 159 -3.89 5.79 -4.53
CA ALA A 159 -3.81 5.39 -5.94
C ALA A 159 -3.56 3.88 -6.11
N ALA A 160 -2.72 3.31 -5.25
CA ALA A 160 -2.44 1.87 -5.31
C ALA A 160 -3.72 1.06 -5.07
N TYR A 161 -4.44 1.43 -4.01
CA TYR A 161 -5.70 0.71 -3.72
C TYR A 161 -6.69 0.90 -4.86
N ALA A 162 -6.74 2.12 -5.41
CA ALA A 162 -7.66 2.38 -6.52
C ALA A 162 -7.28 1.62 -7.77
N GLU A 163 -5.97 1.44 -8.00
CA GLU A 163 -5.55 0.65 -9.16
C GLU A 163 -6.00 -0.80 -9.03
N HIS A 164 -5.87 -1.35 -7.83
CA HIS A 164 -6.37 -2.74 -7.64
C HIS A 164 -7.87 -2.81 -7.88
N ALA A 165 -8.64 -1.83 -7.37
CA ALA A 165 -10.09 -1.85 -7.62
C ALA A 165 -10.37 -1.71 -9.12
N ALA A 166 -9.63 -0.86 -9.81
CA ALA A 166 -9.83 -0.64 -11.25
C ALA A 166 -9.55 -1.91 -12.05
N VAL A 167 -8.51 -2.64 -11.66
CA VAL A 167 -8.16 -3.91 -12.28
C VAL A 167 -9.36 -4.87 -12.24
N LEU A 168 -10.11 -4.83 -11.17
CA LEU A 168 -11.30 -5.65 -10.99
C LEU A 168 -12.58 -5.04 -11.55
N GLY A 169 -12.51 -3.88 -12.19
CA GLY A 169 -13.67 -3.24 -12.79
C GLY A 169 -14.44 -2.31 -11.87
N PHE A 170 -13.86 -1.86 -10.77
CA PHE A 170 -14.53 -0.98 -9.82
C PHE A 170 -13.85 0.39 -9.79
N ARG A 171 -14.62 1.43 -10.03
CA ARG A 171 -14.07 2.78 -10.11
C ARG A 171 -15.11 3.79 -9.64
N LYS A 172 -14.62 4.90 -9.09
CA LYS A 172 -15.49 6.00 -8.70
C LYS A 172 -14.90 7.29 -9.24
N THR A 173 -15.70 8.07 -9.95
CA THR A 173 -15.23 9.32 -10.52
C THR A 173 -14.59 10.24 -9.49
N GLU A 174 -15.08 10.30 -8.26
CA GLU A 174 -14.56 11.15 -7.21
C GLU A 174 -13.10 10.87 -6.89
N ILE A 175 -12.74 9.61 -6.95
CA ILE A 175 -11.34 9.21 -6.69
C ILE A 175 -10.39 9.79 -7.72
N ASP A 176 -10.66 9.53 -8.99
CA ASP A 176 -9.84 10.00 -10.11
C ASP A 176 -9.85 11.53 -10.19
N GLU A 177 -10.99 12.17 -9.86
CA GLU A 177 -10.99 13.64 -9.82
C GLU A 177 -10.07 14.15 -8.72
N PHE A 178 -10.11 13.47 -7.58
CA PHE A 178 -9.31 13.92 -6.44
C PHE A 178 -7.82 13.81 -6.72
N MET A 179 -7.43 12.78 -7.50
CA MET A 179 -6.04 12.58 -7.86
C MET A 179 -5.51 13.87 -8.51
N LEU A 180 -6.30 14.43 -9.43
CA LEU A 180 -5.88 15.67 -10.10
C LEU A 180 -6.05 16.90 -9.23
N GLU A 181 -7.08 16.95 -8.39
CA GLU A 181 -7.20 18.09 -7.47
C GLU A 181 -5.98 18.13 -6.54
N ALA A 182 -5.63 16.97 -5.98
CA ALA A 182 -4.53 16.91 -5.04
C ALA A 182 -3.20 17.21 -5.71
N LEU A 183 -2.90 16.61 -6.87
CA LEU A 183 -1.63 16.88 -7.54
C LEU A 183 -1.54 18.35 -7.96
N ALA A 184 -2.65 18.89 -8.51
CA ALA A 184 -2.57 20.30 -8.96
C ALA A 184 -2.42 21.25 -7.78
N SER A 185 -2.97 20.91 -6.61
CA SER A 185 -2.82 21.76 -5.45
C SER A 185 -1.40 21.98 -5.03
N THR A 186 -0.49 21.00 -5.30
CA THR A 186 0.90 21.16 -4.92
C THR A 186 1.64 22.11 -5.82
N THR A 187 0.99 22.68 -6.85
CA THR A 187 1.60 23.70 -7.68
C THR A 187 1.03 25.08 -7.32
N LYS A 188 0.16 25.14 -6.32
CA LYS A 188 -0.49 26.39 -5.96
C LYS A 188 -0.01 26.88 -4.60
N ASP A 189 -0.14 28.20 -4.36
CA ASP A 189 0.25 28.71 -3.04
C ASP A 189 -1.03 28.89 -2.22
N LEU A 190 -1.25 27.93 -1.33
CA LEU A 190 -2.45 27.83 -0.53
C LEU A 190 -2.19 28.09 0.94
N SER A 191 -3.27 28.47 1.66
CA SER A 191 -3.15 28.71 3.09
C SER A 191 -2.93 27.41 3.86
N VAL A 192 -2.47 27.52 5.11
CA VAL A 192 -2.29 26.34 5.96
C VAL A 192 -3.63 25.60 6.07
N ASP A 193 -4.72 26.33 6.33
CA ASP A 193 -6.03 25.70 6.43
C ASP A 193 -6.40 24.91 5.18
N GLU A 194 -6.18 25.48 4.00
CA GLU A 194 -6.45 24.82 2.75
C GLU A 194 -5.61 23.54 2.56
N MET A 195 -4.32 23.64 2.86
CA MET A 195 -3.41 22.50 2.74
C MET A 195 -3.81 21.36 3.66
N VAL A 196 -4.16 21.67 4.92
CA VAL A 196 -4.57 20.64 5.88
C VAL A 196 -5.90 20.04 5.45
N ALA A 197 -6.82 20.86 4.96
CA ALA A 197 -8.12 20.34 4.50
C ALA A 197 -7.94 19.35 3.36
N LEU A 198 -6.96 19.58 2.48
CA LEU A 198 -6.69 18.64 1.38
C LEU A 198 -6.19 17.30 1.95
N VAL A 199 -5.37 17.36 2.98
CA VAL A 199 -4.85 16.15 3.61
C VAL A 199 -6.01 15.37 4.25
N MET A 200 -6.91 16.09 4.93
CA MET A 200 -8.05 15.37 5.55
C MET A 200 -8.98 14.83 4.47
N LYS A 201 -9.15 15.53 3.37
CA LYS A 201 -9.94 15.07 2.23
C LYS A 201 -9.31 13.79 1.65
N ALA A 202 -8.00 13.70 1.62
CA ALA A 202 -7.31 12.49 1.15
C ALA A 202 -7.62 11.32 2.07
N GLY A 203 -7.71 11.57 3.39
CA GLY A 203 -8.08 10.56 4.36
C GLY A 203 -9.51 10.06 4.10
N GLY A 204 -10.42 10.97 3.75
CA GLY A 204 -11.79 10.58 3.41
C GLY A 204 -11.79 9.80 2.09
N MET A 205 -10.90 10.18 1.14
CA MET A 205 -10.87 9.43 -0.12
C MET A 205 -10.22 8.06 0.09
N ALA A 206 -9.34 7.95 1.07
CA ALA A 206 -8.74 6.65 1.43
C ALA A 206 -9.84 5.75 1.99
N VAL A 207 -10.75 6.28 2.82
CA VAL A 207 -11.91 5.47 3.25
C VAL A 207 -12.69 5.02 2.01
N THR A 208 -13.06 5.96 1.15
CA THR A 208 -13.79 5.59 -0.08
C THR A 208 -13.12 4.50 -0.88
N THR A 209 -11.82 4.67 -1.12
CA THR A 209 -11.05 3.73 -1.92
C THR A 209 -10.85 2.38 -1.28
N MET A 210 -10.56 2.36 0.04
CA MET A 210 -10.45 1.08 0.73
C MET A 210 -11.81 0.38 0.72
N ALA A 211 -12.91 1.15 0.87
CA ALA A 211 -14.24 0.49 0.82
C ALA A 211 -14.48 -0.11 -0.57
N LEU A 212 -14.08 0.58 -1.63
CA LEU A 212 -14.24 0.14 -3.00
C LEU A 212 -13.41 -1.11 -3.30
N LEU A 213 -12.18 -1.13 -2.83
CA LEU A 213 -11.32 -2.32 -3.00
C LEU A 213 -11.88 -3.49 -2.21
N ASP A 214 -12.40 -3.22 -1.01
CA ASP A 214 -13.00 -4.30 -0.21
C ASP A 214 -14.17 -4.89 -0.99
N GLU A 215 -15.00 -4.02 -1.55
CA GLU A 215 -16.12 -4.49 -2.37
C GLU A 215 -15.63 -5.27 -3.59
N ALA A 216 -14.62 -4.75 -4.28
CA ALA A 216 -14.09 -5.39 -5.48
C ALA A 216 -13.58 -6.79 -5.16
N ASN A 217 -12.71 -6.87 -4.14
CA ASN A 217 -12.13 -8.18 -3.81
C ASN A 217 -13.16 -9.20 -3.33
N THR A 218 -14.07 -8.78 -2.44
CA THR A 218 -15.04 -9.76 -1.91
C THR A 218 -16.12 -10.13 -2.91
N THR A 219 -16.54 -9.20 -3.76
CA THR A 219 -17.54 -9.52 -4.78
C THR A 219 -16.95 -10.51 -5.79
N THR A 220 -15.68 -10.30 -6.15
CA THR A 220 -15.06 -11.14 -7.16
C THR A 220 -14.66 -12.50 -6.63
N TYR A 221 -14.02 -12.57 -5.47
CA TYR A 221 -13.46 -13.81 -4.94
C TYR A 221 -14.05 -14.34 -3.66
N GLY A 222 -15.16 -13.75 -3.22
CA GLY A 222 -15.84 -14.17 -2.00
C GLY A 222 -15.35 -13.46 -0.75
N ASN A 223 -16.10 -13.59 0.36
CA ASN A 223 -15.63 -13.00 1.60
C ASN A 223 -14.60 -13.92 2.22
N PRO A 224 -13.48 -13.38 2.69
CA PRO A 224 -12.48 -14.17 3.38
C PRO A 224 -13.13 -14.93 4.54
N GLU A 225 -12.57 -16.10 4.86
CA GLU A 225 -13.11 -16.89 5.98
C GLU A 225 -11.95 -17.56 6.73
N ILE A 226 -12.21 -18.01 7.94
CA ILE A 226 -11.21 -18.69 8.74
C ILE A 226 -10.54 -19.78 7.90
N THR A 227 -9.21 -19.74 7.84
CA THR A 227 -8.43 -20.69 7.07
C THR A 227 -7.12 -21.03 7.79
N GLN A 228 -6.79 -22.34 7.78
CA GLN A 228 -5.51 -22.75 8.36
C GLN A 228 -4.54 -22.83 7.17
N VAL A 229 -3.46 -22.07 7.17
CA VAL A 229 -2.57 -22.03 6.01
C VAL A 229 -1.28 -22.81 6.26
N ASN A 230 -0.94 -23.74 5.37
CA ASN A 230 0.30 -24.48 5.54
C ASN A 230 1.50 -23.57 5.23
N ILE A 231 2.55 -23.64 6.05
CA ILE A 231 3.75 -22.83 5.80
C ILE A 231 4.96 -23.74 5.51
N GLY A 232 4.69 -25.04 5.38
CA GLY A 232 5.68 -26.02 4.98
C GLY A 232 5.59 -26.12 3.45
N VAL A 233 6.30 -27.07 2.83
CA VAL A 233 6.26 -27.14 1.37
C VAL A 233 5.77 -28.49 0.84
N GLY A 234 5.48 -28.50 -0.44
CA GLY A 234 5.07 -29.72 -1.15
C GLY A 234 6.28 -30.30 -1.85
N LYS A 235 6.06 -31.20 -2.78
CA LYS A 235 7.12 -31.91 -3.48
C LYS A 235 7.21 -31.60 -4.95
N ASN A 236 6.41 -30.66 -5.46
CA ASN A 236 6.52 -30.24 -6.85
C ASN A 236 7.26 -28.90 -6.94
N PRO A 237 7.74 -28.57 -8.11
CA PRO A 237 8.27 -27.23 -8.34
C PRO A 237 7.06 -26.30 -8.15
N GLY A 238 7.34 -25.05 -7.78
CA GLY A 238 6.24 -24.10 -7.62
C GLY A 238 6.56 -22.74 -8.23
N ILE A 239 5.55 -21.87 -8.18
CA ILE A 239 5.66 -20.45 -8.52
C ILE A 239 5.21 -19.69 -7.27
N LEU A 240 6.02 -18.71 -6.84
CA LEU A 240 5.79 -17.90 -5.67
C LEU A 240 5.22 -16.54 -6.13
N ILE A 241 4.00 -16.22 -5.69
CA ILE A 241 3.38 -14.94 -6.09
C ILE A 241 3.42 -14.02 -4.87
N SER A 242 3.87 -12.79 -5.09
CA SER A 242 4.05 -11.81 -3.99
C SER A 242 3.39 -10.48 -4.36
N GLY A 243 3.29 -9.56 -3.40
CA GLY A 243 2.62 -8.29 -3.70
C GLY A 243 1.16 -8.37 -3.28
N HIS A 244 0.23 -7.69 -3.95
CA HIS A 244 -1.15 -7.65 -3.48
C HIS A 244 -2.26 -7.97 -4.46
N ASP A 245 -1.97 -8.05 -5.76
CA ASP A 245 -3.04 -8.12 -6.74
C ASP A 245 -3.69 -9.50 -6.83
N LEU A 246 -4.96 -9.55 -6.46
CA LEU A 246 -5.69 -10.82 -6.46
C LEU A 246 -6.14 -11.24 -7.83
N LYS A 247 -6.30 -10.32 -8.80
CA LYS A 247 -6.68 -10.81 -10.14
C LYS A 247 -5.51 -11.57 -10.77
N ASP A 248 -4.26 -11.13 -10.54
CA ASP A 248 -3.10 -11.87 -11.01
C ASP A 248 -3.09 -13.27 -10.36
N MET A 249 -3.43 -13.37 -9.08
CA MET A 249 -3.53 -14.66 -8.40
C MET A 249 -4.59 -15.56 -9.04
N ALA A 250 -5.77 -14.99 -9.31
CA ALA A 250 -6.82 -15.79 -9.96
C ALA A 250 -6.35 -16.39 -11.29
N GLU A 251 -5.68 -15.58 -12.10
CA GLU A 251 -5.20 -16.04 -13.40
C GLU A 251 -4.06 -17.05 -13.25
N LEU A 252 -3.18 -16.80 -12.29
CA LEU A 252 -2.06 -17.75 -12.09
C LEU A 252 -2.59 -19.11 -11.66
N LEU A 253 -3.58 -19.13 -10.76
CA LEU A 253 -4.11 -20.40 -10.28
C LEU A 253 -4.78 -21.16 -11.43
N LYS A 254 -5.56 -20.44 -12.24
CA LYS A 254 -6.24 -21.08 -13.37
C LYS A 254 -5.25 -21.65 -14.37
N GLN A 255 -4.19 -20.90 -14.69
CA GLN A 255 -3.23 -21.34 -15.69
C GLN A 255 -2.31 -22.45 -15.19
N THR A 256 -2.11 -22.55 -13.87
CA THR A 256 -1.26 -23.58 -13.33
C THR A 256 -2.08 -24.84 -12.98
N GLU A 257 -3.41 -24.76 -13.07
CA GLU A 257 -4.16 -25.98 -12.69
C GLU A 257 -3.83 -27.12 -13.65
N GLY A 258 -3.53 -28.30 -13.13
CA GLY A 258 -3.22 -29.48 -13.92
C GLY A 258 -1.87 -29.54 -14.60
N THR A 259 -0.95 -28.65 -14.21
CA THR A 259 0.34 -28.57 -14.90
C THR A 259 1.43 -29.27 -14.11
N GLY A 260 1.19 -29.55 -12.84
CA GLY A 260 2.21 -30.20 -12.01
C GLY A 260 3.11 -29.13 -11.36
N VAL A 261 2.67 -27.88 -11.50
CA VAL A 261 3.36 -26.77 -10.84
C VAL A 261 2.44 -26.24 -9.72
N ASP A 262 2.96 -26.17 -8.52
CA ASP A 262 2.20 -25.71 -7.36
C ASP A 262 2.25 -24.19 -7.27
N VAL A 263 1.33 -23.62 -6.53
CA VAL A 263 1.32 -22.16 -6.31
C VAL A 263 1.47 -21.87 -4.83
N TYR A 264 2.39 -20.95 -4.51
CA TYR A 264 2.61 -20.53 -3.15
C TYR A 264 2.49 -18.99 -3.04
N THR A 265 2.02 -18.51 -1.90
CA THR A 265 1.97 -17.04 -1.74
C THR A 265 3.15 -16.57 -0.92
N HIS A 266 3.39 -15.26 -1.00
CA HIS A 266 4.46 -14.65 -0.19
C HIS A 266 3.98 -13.27 0.25
N GLY A 267 4.44 -12.83 1.41
CA GLY A 267 4.21 -11.48 1.91
C GLY A 267 2.76 -11.04 1.98
N GLU A 268 2.43 -10.02 1.17
CA GLU A 268 1.04 -9.54 1.18
C GLU A 268 0.11 -10.39 0.36
N MET A 269 0.59 -11.47 -0.26
CA MET A 269 -0.32 -12.39 -0.95
C MET A 269 -0.81 -13.47 0.00
N LEU A 270 -0.38 -13.53 1.25
CA LEU A 270 -0.84 -14.48 2.26
C LEU A 270 -2.36 -14.53 2.33
N PRO A 271 -3.04 -13.38 2.34
CA PRO A 271 -4.50 -13.34 2.42
C PRO A 271 -5.21 -13.93 1.25
N ALA A 272 -4.59 -14.19 0.10
CA ALA A 272 -5.23 -14.92 -0.99
C ALA A 272 -5.65 -16.32 -0.51
N ASN A 273 -4.99 -16.88 0.49
CA ASN A 273 -5.31 -18.16 1.08
C ASN A 273 -6.67 -18.15 1.78
N TYR A 274 -7.17 -16.96 2.14
CA TYR A 274 -8.44 -16.89 2.85
C TYR A 274 -9.67 -16.83 1.98
N TYR A 275 -9.49 -16.61 0.67
CA TYR A 275 -10.66 -16.39 -0.18
C TYR A 275 -11.23 -17.68 -0.73
N PRO A 276 -12.55 -17.84 -0.61
CA PRO A 276 -13.24 -19.03 -1.11
C PRO A 276 -12.92 -19.32 -2.57
N ALA A 277 -12.83 -18.33 -3.47
CA ALA A 277 -12.52 -18.62 -4.87
C ALA A 277 -11.16 -19.30 -5.08
N PHE A 278 -10.21 -19.09 -4.18
CA PHE A 278 -8.87 -19.64 -4.37
C PHE A 278 -8.65 -20.90 -3.56
N LYS A 279 -9.42 -21.10 -2.52
CA LYS A 279 -9.34 -22.29 -1.68
C LYS A 279 -9.80 -23.56 -2.39
N LYS A 280 -10.41 -23.48 -3.56
CA LYS A 280 -10.88 -24.61 -4.33
C LYS A 280 -9.79 -25.30 -5.15
N TYR A 281 -8.58 -24.76 -5.21
CA TYR A 281 -7.50 -25.38 -5.97
C TYR A 281 -6.54 -26.14 -5.07
N PRO A 282 -6.47 -27.47 -5.17
CA PRO A 282 -5.60 -28.28 -4.37
C PRO A 282 -4.14 -28.02 -4.60
N HIS A 283 -3.72 -27.48 -5.74
CA HIS A 283 -2.30 -27.21 -5.98
C HIS A 283 -1.82 -25.92 -5.33
N PHE A 284 -2.70 -25.16 -4.72
CA PHE A 284 -2.35 -23.92 -3.99
C PHE A 284 -1.91 -24.41 -2.62
N VAL A 285 -0.60 -24.52 -2.41
CA VAL A 285 -0.05 -25.15 -1.22
C VAL A 285 -0.18 -24.37 0.08
N GLY A 286 0.21 -23.09 0.02
CA GLY A 286 0.20 -22.28 1.23
C GLY A 286 1.11 -21.06 1.05
N ASN A 287 1.67 -20.62 2.16
CA ASN A 287 2.46 -19.38 2.15
C ASN A 287 3.91 -19.69 2.52
N TYR A 288 4.82 -19.07 1.79
CA TYR A 288 6.24 -19.34 1.96
C TYR A 288 6.99 -18.17 2.54
N GLY A 289 7.74 -18.41 3.61
CA GLY A 289 8.60 -17.37 4.17
C GLY A 289 7.91 -16.34 5.04
N GLY A 290 8.53 -15.16 5.11
CA GLY A 290 7.97 -14.13 5.99
C GLY A 290 7.69 -12.83 5.25
N SER A 291 8.11 -11.75 5.91
CA SER A 291 7.93 -10.40 5.47
C SER A 291 8.75 -10.04 4.25
N TRP A 292 8.33 -8.98 3.53
CA TRP A 292 9.00 -8.56 2.32
C TRP A 292 10.51 -8.38 2.47
N TRP A 293 10.99 -7.86 3.59
CA TRP A 293 12.40 -7.54 3.73
C TRP A 293 13.31 -8.75 3.87
N GLN A 294 12.77 -9.94 4.09
CA GLN A 294 13.58 -11.15 4.14
C GLN A 294 13.59 -11.86 2.80
N GLN A 295 13.10 -11.21 1.71
CA GLN A 295 12.97 -11.93 0.46
C GLN A 295 14.25 -12.36 -0.24
N ASN A 296 15.42 -11.73 -0.01
CA ASN A 296 16.59 -12.17 -0.75
C ASN A 296 16.87 -13.66 -0.51
N PRO A 297 17.03 -14.11 0.73
CA PRO A 297 17.30 -15.52 0.99
C PRO A 297 16.07 -16.39 0.71
N GLU A 298 14.85 -15.88 0.91
CA GLU A 298 13.64 -16.67 0.70
C GLU A 298 13.28 -16.87 -0.75
N PHE A 299 13.45 -15.85 -1.61
CA PHE A 299 13.24 -16.02 -3.03
C PHE A 299 14.31 -16.99 -3.59
N GLU A 300 15.50 -16.91 -3.00
CA GLU A 300 16.57 -17.81 -3.42
C GLU A 300 16.22 -19.26 -3.12
N SER A 301 15.81 -19.53 -1.90
CA SER A 301 15.54 -20.92 -1.47
C SER A 301 14.24 -21.46 -2.03
N PHE A 302 13.35 -20.57 -2.49
CA PHE A 302 12.12 -21.04 -3.14
C PHE A 302 12.39 -21.91 -4.34
N ASN A 303 13.46 -21.67 -5.10
CA ASN A 303 13.94 -22.38 -6.25
C ASN A 303 13.15 -22.22 -7.53
N GLY A 304 11.87 -21.88 -7.45
CA GLY A 304 11.05 -21.71 -8.64
C GLY A 304 10.85 -20.22 -8.96
N PRO A 305 10.15 -19.93 -10.03
CA PRO A 305 9.89 -18.56 -10.44
C PRO A 305 9.19 -17.78 -9.32
N ILE A 306 9.46 -16.47 -9.29
CA ILE A 306 8.82 -15.57 -8.32
C ILE A 306 8.14 -14.45 -9.14
N LEU A 307 6.89 -14.16 -8.82
CA LEU A 307 6.12 -13.17 -9.55
C LEU A 307 5.77 -12.02 -8.62
N LEU A 308 6.25 -10.82 -8.92
CA LEU A 308 5.97 -9.65 -8.07
C LEU A 308 4.81 -8.89 -8.70
N THR A 309 3.67 -8.85 -8.03
CA THR A 309 2.50 -8.18 -8.62
C THR A 309 2.46 -6.70 -8.31
N THR A 310 3.12 -6.33 -7.20
CA THR A 310 3.16 -4.98 -6.70
C THR A 310 4.47 -4.82 -5.91
N ASN A 311 4.57 -3.64 -5.27
CA ASN A 311 5.70 -3.49 -4.39
C ASN A 311 5.59 -4.34 -3.12
N CYS A 312 6.52 -5.07 -2.58
CA CYS A 312 7.84 -4.68 -2.24
C CYS A 312 8.82 -5.61 -2.98
N LEU A 313 9.53 -5.12 -3.98
CA LEU A 313 10.59 -5.86 -4.65
C LEU A 313 11.92 -5.21 -4.21
N VAL A 314 12.78 -5.97 -3.55
CA VAL A 314 14.06 -5.44 -3.04
C VAL A 314 15.15 -5.80 -4.04
N PRO A 315 16.11 -4.93 -4.25
CA PRO A 315 17.22 -5.21 -5.16
C PRO A 315 17.94 -6.49 -4.72
N LEU A 316 18.39 -7.21 -5.73
CA LEU A 316 19.15 -8.44 -5.43
C LEU A 316 20.51 -8.14 -4.81
N LYS A 317 20.92 -9.06 -3.93
CA LYS A 317 22.28 -8.98 -3.40
C LYS A 317 23.19 -9.50 -4.51
N LYS A 318 24.47 -9.13 -4.47
CA LYS A 318 25.44 -9.56 -5.47
C LYS A 318 25.48 -11.07 -5.64
N GLU A 319 25.31 -11.79 -4.54
CA GLU A 319 25.35 -13.26 -4.60
C GLU A 319 24.03 -13.92 -4.89
N ASN A 320 22.93 -13.16 -5.03
CA ASN A 320 21.64 -13.79 -5.35
C ASN A 320 21.68 -14.32 -6.77
N THR A 321 20.99 -15.45 -7.02
CA THR A 321 21.04 -16.06 -8.33
C THR A 321 19.67 -16.19 -8.99
N TYR A 322 18.66 -15.55 -8.43
CA TYR A 322 17.32 -15.74 -8.98
C TYR A 322 16.88 -14.70 -9.99
N LEU A 323 17.73 -13.82 -10.51
CA LEU A 323 17.27 -12.86 -11.52
C LEU A 323 16.66 -13.50 -12.75
N ASP A 324 17.22 -14.65 -13.18
CA ASP A 324 16.68 -15.32 -14.36
C ASP A 324 15.33 -15.98 -14.14
N ARG A 325 14.82 -16.05 -12.91
CA ARG A 325 13.49 -16.59 -12.64
C ARG A 325 12.63 -15.58 -11.87
N LEU A 326 12.98 -14.31 -11.99
CA LEU A 326 12.22 -13.22 -11.34
C LEU A 326 11.37 -12.53 -12.40
N TYR A 327 10.07 -12.46 -12.11
CA TYR A 327 9.11 -11.87 -13.04
C TYR A 327 8.39 -10.69 -12.36
N THR A 328 8.23 -9.62 -13.13
CA THR A 328 7.51 -8.46 -12.62
C THR A 328 6.22 -8.34 -13.44
N THR A 329 5.24 -7.65 -12.87
CA THR A 329 4.00 -7.44 -13.66
C THR A 329 3.37 -6.19 -13.09
N GLY A 330 2.35 -5.63 -13.76
CA GLY A 330 1.71 -4.43 -13.22
C GLY A 330 2.69 -3.26 -13.28
N VAL A 331 2.68 -2.45 -12.22
CA VAL A 331 3.54 -1.28 -12.12
C VAL A 331 4.96 -1.65 -11.67
N VAL A 332 5.21 -2.92 -11.41
CA VAL A 332 6.54 -3.34 -10.98
C VAL A 332 7.51 -3.43 -12.15
N GLY A 333 8.77 -3.05 -11.88
CA GLY A 333 9.78 -3.22 -12.93
C GLY A 333 11.15 -3.38 -12.28
N TYR A 334 12.04 -4.09 -12.95
CA TYR A 334 13.40 -4.32 -12.43
C TYR A 334 14.30 -4.71 -13.61
N GLU A 335 15.42 -4.00 -13.74
CA GLU A 335 16.34 -4.22 -14.84
C GLU A 335 16.80 -5.68 -14.91
N GLY A 336 16.58 -6.29 -16.08
CA GLY A 336 16.98 -7.68 -16.24
C GLY A 336 15.95 -8.71 -15.83
N ALA A 337 14.83 -8.33 -15.21
CA ALA A 337 13.79 -9.24 -14.82
C ALA A 337 12.74 -9.24 -15.94
N LYS A 338 12.21 -10.40 -16.26
CA LYS A 338 11.15 -10.53 -17.26
C LYS A 338 9.85 -9.94 -16.79
N HIS A 339 9.22 -9.14 -17.63
CA HIS A 339 7.97 -8.47 -17.26
C HIS A 339 6.77 -9.10 -17.98
N ILE A 340 5.71 -9.29 -17.22
CA ILE A 340 4.48 -9.89 -17.78
C ILE A 340 3.57 -8.71 -18.13
N ALA A 341 3.31 -8.58 -19.43
CA ALA A 341 2.51 -7.46 -19.91
C ALA A 341 1.09 -7.44 -19.41
N ASP A 342 0.48 -6.25 -19.44
CA ASP A 342 -0.88 -6.02 -19.02
C ASP A 342 -1.85 -6.87 -19.84
N ARG A 343 -2.91 -7.30 -19.18
CA ARG A 343 -3.94 -8.08 -19.83
C ARG A 343 -4.74 -7.19 -20.78
N PRO A 344 -5.16 -7.76 -21.91
CA PRO A 344 -6.07 -7.08 -22.81
C PRO A 344 -7.41 -6.95 -22.08
N ALA A 345 -8.16 -5.90 -22.41
CA ALA A 345 -9.46 -5.68 -21.76
C ALA A 345 -10.33 -6.91 -21.98
N GLY A 346 -10.87 -7.47 -20.90
CA GLY A 346 -11.68 -8.68 -21.00
C GLY A 346 -10.85 -9.95 -21.17
N GLY A 347 -9.52 -9.86 -21.15
CA GLY A 347 -8.70 -11.04 -21.33
C GLY A 347 -7.88 -11.32 -20.07
N ALA A 348 -6.78 -12.03 -20.25
CA ALA A 348 -5.95 -12.43 -19.12
C ALA A 348 -4.47 -12.20 -19.38
N LYS A 349 -3.69 -12.18 -18.28
CA LYS A 349 -2.24 -12.11 -18.45
C LYS A 349 -1.76 -13.50 -18.93
N ASP A 350 -0.59 -13.53 -19.52
CA ASP A 350 0.01 -14.76 -20.02
C ASP A 350 1.16 -15.18 -19.11
N PHE A 351 0.89 -16.20 -18.31
CA PHE A 351 1.89 -16.70 -17.37
C PHE A 351 2.54 -17.98 -17.90
N SER A 352 2.36 -18.32 -19.17
CA SER A 352 2.95 -19.57 -19.67
C SER A 352 4.45 -19.70 -19.50
N ALA A 353 5.22 -18.63 -19.64
CA ALA A 353 6.66 -18.72 -19.48
C ALA A 353 7.07 -19.09 -18.07
N LEU A 354 6.34 -18.62 -17.06
CA LEU A 354 6.66 -18.97 -15.69
C LEU A 354 6.43 -20.46 -15.45
N ILE A 355 5.32 -20.94 -16.03
CA ILE A 355 4.98 -22.36 -15.88
C ILE A 355 6.02 -23.24 -16.55
N ALA A 356 6.45 -22.88 -17.75
CA ALA A 356 7.49 -23.66 -18.46
C ALA A 356 8.81 -23.66 -17.70
N GLN A 357 9.18 -22.49 -17.16
CA GLN A 357 10.40 -22.40 -16.37
C GLN A 357 10.26 -23.17 -15.08
N ALA A 358 9.11 -23.10 -14.39
CA ALA A 358 8.96 -23.83 -13.13
C ALA A 358 9.13 -25.32 -13.28
N LYS A 359 8.73 -25.87 -14.42
CA LYS A 359 8.91 -27.33 -14.67
C LYS A 359 10.36 -27.75 -14.72
N LYS A 360 11.30 -26.85 -14.91
CA LYS A 360 12.73 -27.07 -14.93
C LYS A 360 13.39 -26.82 -13.58
N CYS A 361 12.62 -26.36 -12.61
CA CYS A 361 13.14 -26.04 -11.29
C CYS A 361 12.88 -27.13 -10.27
N PRO A 362 13.75 -27.21 -9.27
CA PRO A 362 13.58 -28.09 -8.14
C PRO A 362 12.49 -27.51 -7.24
N PRO A 363 11.92 -28.31 -6.35
CA PRO A 363 10.92 -27.86 -5.42
C PRO A 363 11.56 -26.91 -4.41
N PRO A 364 10.72 -26.12 -3.75
CA PRO A 364 11.20 -25.20 -2.73
C PRO A 364 11.88 -25.88 -1.55
N VAL A 365 12.88 -25.19 -0.98
CA VAL A 365 13.53 -25.69 0.22
C VAL A 365 12.61 -25.39 1.40
N GLU A 366 12.32 -26.38 2.24
CA GLU A 366 11.44 -26.15 3.38
C GLU A 366 12.16 -25.23 4.37
N ILE A 367 11.57 -24.12 4.76
CA ILE A 367 12.23 -23.24 5.72
C ILE A 367 11.57 -23.27 7.08
N GLU A 368 10.37 -23.82 7.17
CA GLU A 368 9.64 -23.96 8.42
C GLU A 368 8.46 -24.89 8.14
N THR A 369 7.80 -25.35 9.20
CA THR A 369 6.66 -26.23 9.05
C THR A 369 5.58 -25.71 10.02
N GLY A 370 4.36 -26.17 9.81
CA GLY A 370 3.25 -25.79 10.68
C GLY A 370 2.22 -25.01 9.88
N SER A 371 1.54 -24.11 10.56
CA SER A 371 0.50 -23.31 9.91
C SER A 371 0.25 -21.97 10.59
N ILE A 372 -0.46 -21.12 9.88
CA ILE A 372 -0.87 -19.76 10.28
C ILE A 372 -2.40 -19.77 10.13
N VAL A 373 -3.14 -19.19 11.06
CA VAL A 373 -4.58 -19.12 10.92
C VAL A 373 -4.93 -17.66 10.58
N GLY A 374 -5.88 -17.46 9.69
CA GLY A 374 -6.28 -16.09 9.37
C GLY A 374 -7.60 -16.10 8.64
N GLY A 375 -7.97 -14.93 8.11
CA GLY A 375 -9.23 -14.84 7.37
C GLY A 375 -10.33 -14.14 8.17
N PHE A 376 -9.95 -13.35 9.18
CA PHE A 376 -10.91 -12.63 10.00
C PHE A 376 -11.23 -11.25 9.47
N ALA A 377 -11.78 -11.19 8.25
CA ALA A 377 -12.15 -9.92 7.63
C ALA A 377 -13.57 -9.55 8.12
N HIS A 378 -14.12 -8.44 7.64
CA HIS A 378 -15.36 -7.98 8.33
C HIS A 378 -16.51 -8.96 8.28
N HIS A 379 -16.79 -9.60 7.17
CA HIS A 379 -17.91 -10.53 7.08
C HIS A 379 -17.78 -11.68 8.06
N GLN A 380 -16.56 -12.24 8.08
CA GLN A 380 -16.28 -13.35 8.98
C GLN A 380 -16.39 -12.95 10.45
N VAL A 381 -15.87 -11.79 10.84
CA VAL A 381 -15.96 -11.35 12.21
C VAL A 381 -17.39 -11.00 12.60
N LEU A 382 -18.11 -10.31 11.73
CA LEU A 382 -19.50 -9.95 12.04
C LEU A 382 -20.38 -11.20 12.10
N ALA A 383 -20.01 -12.26 11.42
CA ALA A 383 -20.72 -13.54 11.48
C ALA A 383 -20.53 -14.20 12.84
N LEU A 384 -19.52 -13.82 13.59
CA LEU A 384 -19.21 -14.29 14.93
C LEU A 384 -19.43 -13.19 15.96
N ALA A 385 -20.24 -12.19 15.64
CA ALA A 385 -20.49 -11.06 16.55
C ALA A 385 -20.97 -11.47 17.93
N ASP A 386 -21.96 -12.35 18.00
CA ASP A 386 -22.45 -12.80 19.30
C ASP A 386 -21.32 -13.39 20.13
N LYS A 387 -20.51 -14.29 19.55
CA LYS A 387 -19.38 -14.86 20.29
C LYS A 387 -18.38 -13.80 20.73
N VAL A 388 -18.07 -12.82 19.88
CA VAL A 388 -17.14 -11.77 20.24
C VAL A 388 -17.70 -10.89 21.35
N VAL A 389 -18.95 -10.45 21.17
CA VAL A 389 -19.57 -9.56 22.18
C VAL A 389 -19.66 -10.24 23.53
N GLU A 390 -20.06 -11.51 23.56
CA GLU A 390 -20.14 -12.26 24.81
C GLU A 390 -18.78 -12.36 25.48
N ALA A 391 -17.70 -12.58 24.71
CA ALA A 391 -16.37 -12.63 25.30
C ALA A 391 -15.97 -11.29 25.89
N VAL A 392 -16.37 -10.18 25.26
CA VAL A 392 -16.04 -8.87 25.80
C VAL A 392 -16.82 -8.64 27.10
N LYS A 393 -18.08 -9.05 27.12
CA LYS A 393 -18.95 -8.91 28.29
C LYS A 393 -18.53 -9.76 29.47
N SER A 394 -18.07 -10.99 29.21
CA SER A 394 -17.63 -11.87 30.28
C SER A 394 -16.30 -11.43 30.87
N GLY A 395 -15.51 -10.66 30.12
CA GLY A 395 -14.20 -10.23 30.58
C GLY A 395 -13.11 -11.16 30.05
N ALA A 396 -13.52 -12.16 29.27
CA ALA A 396 -12.55 -13.08 28.65
C ALA A 396 -11.64 -12.26 27.74
N ILE A 397 -12.20 -11.30 27.00
CA ILE A 397 -11.39 -10.39 26.19
C ILE A 397 -11.47 -9.02 26.86
N LYS A 398 -10.40 -8.55 27.45
CA LYS A 398 -10.34 -7.28 28.17
C LYS A 398 -10.12 -6.11 27.21
N ARG A 399 -9.38 -6.41 26.14
CA ARG A 399 -9.06 -5.32 25.21
C ARG A 399 -8.55 -5.90 23.89
N PHE A 400 -8.78 -5.13 22.83
CA PHE A 400 -8.24 -5.44 21.53
C PHE A 400 -7.06 -4.50 21.25
N VAL A 401 -6.01 -5.01 20.60
CA VAL A 401 -4.87 -4.15 20.27
C VAL A 401 -4.68 -4.21 18.74
N VAL A 402 -4.96 -3.09 18.07
CA VAL A 402 -4.77 -3.07 16.62
C VAL A 402 -3.29 -2.87 16.34
N MET A 403 -2.65 -3.88 15.76
CA MET A 403 -1.23 -3.81 15.45
C MET A 403 -1.00 -3.95 13.95
N ALA A 404 -1.99 -3.51 13.17
CA ALA A 404 -1.93 -3.56 11.72
C ALA A 404 -0.86 -2.61 11.19
N GLY A 405 -0.55 -2.74 9.91
CA GLY A 405 0.46 -1.86 9.31
C GLY A 405 1.45 -2.63 8.44
N ASP A 407 5.60 -3.99 7.90
CA ASP A 407 6.85 -4.39 8.54
C ASP A 407 8.05 -3.71 7.84
N GLY A 408 9.22 -3.84 8.45
CA GLY A 408 10.44 -3.26 7.86
C GLY A 408 11.67 -3.94 8.49
N ARG A 409 12.85 -3.55 8.04
CA ARG A 409 14.09 -4.17 8.47
C ARG A 409 14.68 -3.72 9.79
N GLN A 410 14.40 -2.51 10.26
CA GLN A 410 15.11 -2.02 11.44
C GLN A 410 14.88 -2.86 12.68
N LYS A 411 15.98 -3.07 13.43
CA LYS A 411 15.99 -3.85 14.66
C LYS A 411 15.03 -3.37 15.73
N SER A 412 14.69 -2.08 15.76
CA SER A 412 13.76 -1.52 16.70
C SER A 412 12.37 -2.13 16.56
N ARG A 413 12.07 -2.82 15.46
CA ARG A 413 10.79 -3.48 15.29
C ARG A 413 10.62 -4.75 16.11
N SER A 414 11.63 -5.14 16.89
CA SER A 414 11.46 -6.24 17.85
C SER A 414 10.44 -5.81 18.90
N TYR A 415 10.19 -4.52 19.08
CA TYR A 415 9.17 -3.92 19.90
C TYR A 415 7.82 -4.54 19.62
N TYR A 416 7.45 -4.69 18.34
CA TYR A 416 6.17 -5.28 17.99
C TYR A 416 6.06 -6.74 18.40
N THR A 417 7.12 -7.51 18.20
CA THR A 417 7.10 -8.91 18.67
C THR A 417 6.99 -8.97 20.19
N GLU A 418 7.75 -8.15 20.90
CA GLU A 418 7.74 -8.15 22.36
C GLU A 418 6.44 -7.64 22.94
N VAL A 419 5.81 -6.66 22.25
CA VAL A 419 4.50 -6.24 22.71
C VAL A 419 3.55 -7.43 22.57
N ALA A 420 3.56 -8.13 21.43
CA ALA A 420 2.67 -9.27 21.23
C ALA A 420 2.86 -10.34 22.31
N GLU A 421 4.13 -10.67 22.55
CA GLU A 421 4.46 -11.70 23.54
C GLU A 421 4.15 -11.30 24.98
N ASN A 422 4.19 -10.01 25.29
CA ASN A 422 4.01 -9.55 26.66
C ASN A 422 2.63 -9.03 27.00
N LEU A 423 1.75 -8.87 26.02
CA LEU A 423 0.40 -8.39 26.36
C LEU A 423 -0.29 -9.43 27.25
N PRO A 424 -1.15 -8.98 28.14
CA PRO A 424 -1.89 -9.86 29.02
C PRO A 424 -2.59 -10.91 28.18
N LYS A 425 -2.80 -12.09 28.74
CA LYS A 425 -3.43 -13.18 27.99
C LYS A 425 -4.91 -13.02 27.72
N ASP A 426 -5.56 -11.98 28.19
CA ASP A 426 -6.98 -11.76 27.91
C ASP A 426 -7.13 -10.60 26.92
N THR A 427 -6.10 -10.42 26.08
CA THR A 427 -6.16 -9.40 25.03
C THR A 427 -6.09 -10.14 23.69
N VAL A 428 -6.66 -9.50 22.66
CA VAL A 428 -6.65 -10.07 21.32
C VAL A 428 -6.03 -9.02 20.39
N ILE A 429 -5.09 -9.47 19.57
CA ILE A 429 -4.44 -8.56 18.62
C ILE A 429 -5.21 -8.62 17.30
N LEU A 430 -5.47 -7.47 16.71
CA LEU A 430 -6.15 -7.39 15.42
C LEU A 430 -5.09 -6.96 14.41
N THR A 431 -5.00 -7.61 13.26
CA THR A 431 -3.93 -7.17 12.34
C THR A 431 -4.39 -7.26 10.89
N ALA A 432 -3.59 -6.60 10.06
CA ALA A 432 -3.76 -6.55 8.61
C ALA A 432 -2.44 -5.97 8.05
N GLY A 433 -1.99 -6.43 6.90
CA GLY A 433 -0.74 -5.89 6.35
C GLY A 433 0.47 -6.68 6.86
N CYS A 434 1.64 -6.47 6.28
CA CYS A 434 2.81 -7.28 6.66
C CYS A 434 3.39 -7.00 8.04
N ALA A 435 2.88 -6.03 8.82
CA ALA A 435 3.29 -5.89 10.22
C ALA A 435 2.95 -7.17 11.00
N LYS A 436 1.98 -7.96 10.56
CA LYS A 436 1.60 -9.23 11.15
C LYS A 436 2.78 -10.20 11.26
N TYR A 437 3.78 -10.13 10.36
CA TYR A 437 4.87 -11.11 10.40
C TYR A 437 5.77 -10.99 11.62
N ARG A 438 5.67 -9.90 12.39
CA ARG A 438 6.39 -9.82 13.65
C ARG A 438 5.76 -10.70 14.72
N TYR A 439 4.51 -11.17 14.55
CA TYR A 439 3.91 -11.95 15.62
C TYR A 439 2.91 -13.01 15.16
N ASN A 440 2.82 -13.30 13.86
CA ASN A 440 1.86 -14.32 13.43
C ASN A 440 2.42 -15.73 13.46
N LYS A 441 3.64 -15.96 13.90
CA LYS A 441 4.21 -17.30 13.97
C LYS A 441 4.56 -17.64 15.41
N LEU A 442 3.89 -16.99 16.35
CA LEU A 442 4.11 -17.22 17.78
C LEU A 442 3.07 -18.24 18.25
N ASN A 443 3.12 -18.63 19.52
CA ASN A 443 2.12 -19.61 19.98
C ASN A 443 1.26 -18.91 21.02
N LEU A 444 0.44 -17.96 20.57
CA LEU A 444 -0.36 -17.19 21.52
C LEU A 444 -1.68 -17.86 21.84
N GLY A 445 -2.11 -18.86 21.08
CA GLY A 445 -3.34 -19.56 21.38
C GLY A 445 -4.61 -18.76 21.11
N ASP A 446 -5.66 -19.21 21.80
CA ASP A 446 -6.99 -18.64 21.68
C ASP A 446 -7.63 -18.34 23.03
N ILE A 447 -8.73 -17.60 22.95
CA ILE A 447 -9.55 -17.25 24.10
C ILE A 447 -10.94 -17.79 23.78
N GLY A 448 -11.27 -18.94 24.37
CA GLY A 448 -12.55 -19.58 24.14
C GLY A 448 -12.84 -19.85 22.67
N GLY A 449 -11.81 -20.22 21.89
CA GLY A 449 -11.98 -20.48 20.47
C GLY A 449 -11.67 -19.29 19.58
N ILE A 450 -11.46 -18.12 20.16
CA ILE A 450 -11.12 -16.92 19.38
C ILE A 450 -9.61 -16.71 19.46
N PRO A 451 -8.96 -16.85 18.31
CA PRO A 451 -7.51 -16.72 18.23
C PRO A 451 -7.07 -15.39 18.82
N ARG A 452 -5.91 -15.40 19.50
CA ARG A 452 -5.41 -14.18 20.12
C ARG A 452 -4.80 -13.24 19.07
N VAL A 453 -4.60 -13.74 17.85
CA VAL A 453 -4.15 -12.93 16.72
C VAL A 453 -5.20 -13.15 15.61
N LEU A 454 -5.88 -12.10 15.19
CA LEU A 454 -6.92 -12.17 14.18
C LEU A 454 -6.46 -11.37 12.96
N ASP A 455 -6.06 -12.10 11.94
CA ASP A 455 -5.58 -11.50 10.69
C ASP A 455 -6.72 -11.25 9.71
N ALA A 456 -7.04 -9.97 9.49
CA ALA A 456 -8.06 -9.55 8.56
C ALA A 456 -7.58 -9.53 7.12
N GLY A 457 -6.27 -9.54 6.86
CA GLY A 457 -5.80 -9.59 5.48
C GLY A 457 -4.66 -8.64 5.17
N GLN A 458 -4.75 -8.07 3.96
CA GLN A 458 -3.72 -7.19 3.43
C GLN A 458 -3.80 -5.84 4.14
N CYS A 459 -2.89 -4.92 3.83
CA CYS A 459 -2.94 -3.63 4.53
C CYS A 459 -4.24 -2.92 4.18
N ASN A 460 -4.79 -3.13 2.98
CA ASN A 460 -6.09 -2.56 2.63
C ASN A 460 -7.21 -3.12 3.50
N ASP A 461 -7.02 -4.31 4.07
CA ASP A 461 -8.00 -4.95 4.94
C ASP A 461 -8.02 -4.38 6.34
N SER A 462 -7.23 -3.30 6.57
CA SER A 462 -7.42 -2.44 7.73
C SER A 462 -8.85 -1.89 7.64
N TYR A 463 -9.40 -1.79 6.42
CA TYR A 463 -10.79 -1.42 6.20
C TYR A 463 -11.73 -2.26 7.06
N SER A 464 -11.55 -3.59 7.04
CA SER A 464 -12.33 -4.50 7.86
C SER A 464 -12.22 -4.18 9.34
N LEU A 465 -11.01 -3.78 9.78
CA LEU A 465 -10.81 -3.46 11.19
C LEU A 465 -11.66 -2.25 11.57
N ALA A 466 -11.74 -1.25 10.70
CA ALA A 466 -12.63 -0.12 10.92
C ALA A 466 -14.10 -0.54 10.91
N VAL A 467 -14.52 -1.38 9.96
CA VAL A 467 -15.92 -1.85 9.98
C VAL A 467 -16.26 -2.56 11.29
N ILE A 468 -15.35 -3.36 11.81
CA ILE A 468 -15.54 -4.10 13.06
C ILE A 468 -15.67 -3.14 14.23
N ALA A 469 -14.77 -2.16 14.27
CA ALA A 469 -14.82 -1.16 15.33
C ALA A 469 -16.14 -0.41 15.31
N LEU A 470 -16.60 0.00 14.13
CA LEU A 470 -17.86 0.74 14.00
C LEU A 470 -19.03 -0.14 14.43
N LYS A 471 -18.97 -1.43 14.16
CA LYS A 471 -20.00 -2.37 14.61
C LYS A 471 -20.01 -2.46 16.14
N LEU A 472 -18.83 -2.56 16.75
CA LEU A 472 -18.72 -2.64 18.20
C LEU A 472 -19.24 -1.36 18.84
N LYS A 473 -18.93 -0.20 18.25
CA LYS A 473 -19.42 1.07 18.76
C LYS A 473 -20.94 1.10 18.84
N GLU A 474 -21.61 0.66 17.77
CA GLU A 474 -23.07 0.62 17.71
C GLU A 474 -23.62 -0.41 18.72
N VAL A 475 -23.06 -1.61 18.77
CA VAL A 475 -23.53 -2.63 19.70
C VAL A 475 -23.43 -2.15 21.15
N PHE A 476 -22.33 -1.51 21.53
CA PHE A 476 -22.13 -1.05 22.89
C PHE A 476 -22.75 0.30 23.19
N GLY A 477 -23.42 0.92 22.23
CA GLY A 477 -24.12 2.18 22.36
C GLY A 477 -23.20 3.31 22.76
N LEU A 478 -22.01 3.34 22.16
CA LEU A 478 -21.05 4.38 22.53
C LEU A 478 -21.13 5.59 21.62
N ASP A 479 -20.98 6.78 22.19
CA ASP A 479 -21.03 7.99 21.37
C ASP A 479 -19.70 8.23 20.65
N ASP A 480 -18.61 7.80 21.24
CA ASP A 480 -17.29 8.04 20.64
C ASP A 480 -16.57 6.73 20.39
N ILE A 481 -16.15 6.55 19.12
CA ILE A 481 -15.42 5.33 18.73
C ILE A 481 -14.18 5.12 19.58
N ASN A 482 -13.56 6.17 20.11
CA ASN A 482 -12.37 6.00 20.94
C ASN A 482 -12.67 5.41 22.30
N ASP A 483 -13.93 5.31 22.71
CA ASP A 483 -14.22 4.75 24.04
C ASP A 483 -14.37 3.24 24.03
N LEU A 484 -14.24 2.58 22.89
CA LEU A 484 -14.25 1.12 22.85
C LEU A 484 -12.99 0.66 23.57
N PRO A 485 -12.94 -0.58 24.02
CA PRO A 485 -11.76 -1.16 24.63
C PRO A 485 -10.78 -1.62 23.57
N VAL A 486 -10.25 -0.68 22.79
CA VAL A 486 -9.38 -0.93 21.66
C VAL A 486 -8.20 0.04 21.72
N SER A 487 -6.97 -0.46 21.53
CA SER A 487 -5.81 0.42 21.48
C SER A 487 -5.16 0.27 20.10
N TYR A 488 -4.51 1.33 19.61
CA TYR A 488 -3.92 1.28 18.27
C TYR A 488 -2.40 1.42 18.37
N ASP A 489 -1.64 0.41 17.93
CA ASP A 489 -0.17 0.48 18.03
C ASP A 489 0.34 -0.04 16.68
N ILE A 490 0.26 0.88 15.73
CA ILE A 490 0.49 0.64 14.30
C ILE A 490 1.91 0.84 13.81
N ALA A 491 2.33 -0.10 12.97
CA ALA A 491 3.69 -0.01 12.39
C ALA A 491 3.54 0.46 10.94
N TRP A 492 4.46 1.31 10.49
CA TRP A 492 4.32 1.76 9.10
C TRP A 492 5.65 1.61 8.38
N TYR A 493 5.59 1.54 7.05
CA TYR A 493 6.83 1.52 6.27
C TYR A 493 6.67 2.42 5.05
N GLU A 494 5.70 2.07 4.19
CA GLU A 494 5.55 2.87 2.97
C GLU A 494 4.27 3.67 2.90
N GLN A 495 3.88 4.07 1.68
CA GLN A 495 2.82 5.05 1.46
C GLN A 495 1.42 4.52 1.58
N LYS A 496 1.22 3.21 1.36
CA LYS A 496 -0.12 2.67 1.61
C LYS A 496 -0.44 2.77 3.09
N ALA A 497 0.56 2.55 3.97
CA ALA A 497 0.30 2.70 5.40
C ALA A 497 -0.07 4.14 5.74
N VAL A 498 0.50 5.11 5.02
CA VAL A 498 0.14 6.51 5.30
C VAL A 498 -1.32 6.75 4.93
N ALA A 499 -1.76 6.17 3.81
CA ALA A 499 -3.19 6.31 3.43
C ALA A 499 -4.08 5.69 4.51
N VAL A 500 -3.71 4.54 5.06
CA VAL A 500 -4.47 3.89 6.13
C VAL A 500 -4.55 4.82 7.34
N LEU A 501 -3.39 5.36 7.74
CA LEU A 501 -3.36 6.31 8.84
C LEU A 501 -4.30 7.49 8.59
N LEU A 502 -4.28 8.12 7.41
CA LEU A 502 -5.12 9.26 7.14
C LEU A 502 -6.60 8.85 7.21
N ALA A 503 -6.90 7.63 6.72
CA ALA A 503 -8.28 7.13 6.81
C ALA A 503 -8.69 7.01 8.28
N LEU A 504 -7.86 6.42 9.14
CA LEU A 504 -8.20 6.34 10.57
C LEU A 504 -8.38 7.72 11.21
N LEU A 505 -7.57 8.69 10.82
CA LEU A 505 -7.71 10.05 11.33
C LEU A 505 -9.03 10.66 10.84
N PHE A 506 -9.40 10.40 9.58
CA PHE A 506 -10.67 10.90 9.06
C PHE A 506 -11.84 10.26 9.82
N LEU A 507 -11.76 8.99 10.19
CA LEU A 507 -12.76 8.28 10.98
C LEU A 507 -12.79 8.69 12.43
N GLY A 508 -11.95 9.60 12.87
CA GLY A 508 -11.95 10.12 14.23
C GLY A 508 -11.20 9.33 15.28
N VAL A 509 -10.26 8.47 14.85
CA VAL A 509 -9.46 7.72 15.82
C VAL A 509 -8.35 8.61 16.39
N LYS A 510 -8.31 8.71 17.71
CA LYS A 510 -7.30 9.52 18.40
C LYS A 510 -6.39 8.65 19.27
N GLY A 511 -5.19 9.15 19.57
CA GLY A 511 -4.27 8.44 20.45
C GLY A 511 -3.49 7.31 19.80
N ILE A 512 -3.44 7.25 18.47
CA ILE A 512 -2.71 6.17 17.80
C ILE A 512 -1.22 6.25 18.13
N ARG A 513 -0.63 5.10 18.42
CA ARG A 513 0.84 5.03 18.57
C ARG A 513 1.34 4.64 17.19
N LEU A 514 2.27 5.41 16.63
CA LEU A 514 2.77 5.12 15.31
C LEU A 514 4.28 4.88 15.35
N GLY A 515 4.74 3.79 14.73
CA GLY A 515 6.17 3.56 14.72
C GLY A 515 6.75 2.48 13.86
N PRO A 516 8.05 2.37 13.82
CA PRO A 516 8.94 2.33 14.95
C PRO A 516 9.50 3.74 15.17
N THR A 517 9.33 4.62 14.18
CA THR A 517 9.70 6.01 14.20
C THR A 517 8.56 6.84 13.58
N LEU A 518 8.59 8.18 13.73
CA LEU A 518 7.59 9.03 13.11
C LEU A 518 8.11 9.52 11.77
N PRO A 519 7.26 9.78 10.77
CA PRO A 519 7.70 10.20 9.47
C PRO A 519 8.64 11.38 9.39
N ALA A 520 9.59 11.35 8.48
CA ALA A 520 10.52 12.47 8.26
C ALA A 520 9.85 13.62 7.52
N PHE A 521 8.74 13.33 6.85
CA PHE A 521 8.02 14.33 6.09
C PHE A 521 7.05 15.15 6.93
N LEU A 522 7.07 15.01 8.25
CA LEU A 522 6.26 15.86 9.10
C LEU A 522 7.18 16.93 9.70
N SER A 523 6.98 18.20 9.33
CA SER A 523 7.84 19.24 9.93
C SER A 523 7.42 19.41 11.38
N PRO A 524 8.22 20.12 12.17
CA PRO A 524 7.89 20.35 13.58
C PRO A 524 6.50 20.95 13.75
N ASN A 525 6.13 21.96 12.96
CA ASN A 525 4.84 22.61 13.06
C ASN A 525 3.68 21.72 12.62
N VAL A 526 3.92 20.89 11.58
CA VAL A 526 2.86 20.00 11.11
C VAL A 526 2.66 18.89 12.13
N ALA A 527 3.77 18.39 12.67
CA ALA A 527 3.75 17.36 13.70
C ALA A 527 2.98 17.86 14.92
N LYS A 528 3.21 19.14 15.29
CA LYS A 528 2.47 19.69 16.44
C LYS A 528 0.97 19.73 16.18
N VAL A 529 0.56 20.05 14.95
CA VAL A 529 -0.85 20.08 14.55
C VAL A 529 -1.48 18.69 14.67
N LEU A 530 -0.76 17.67 14.22
CA LEU A 530 -1.23 16.29 14.33
C LEU A 530 -1.36 15.84 15.77
N VAL A 531 -0.43 16.25 16.62
CA VAL A 531 -0.46 15.93 18.04
C VAL A 531 -1.63 16.72 18.67
N GLU A 532 -1.77 18.00 18.34
CA GLU A 532 -2.86 18.77 18.93
C GLU A 532 -4.22 18.19 18.55
N ASN A 533 -4.48 18.01 17.26
CA ASN A 533 -5.75 17.53 16.80
C ASN A 533 -6.02 16.05 17.03
N PHE A 534 -5.02 15.18 16.90
CA PHE A 534 -5.25 13.75 16.92
C PHE A 534 -4.55 12.92 17.98
N ASN A 535 -3.71 13.53 18.80
CA ASN A 535 -2.99 12.84 19.84
C ASN A 535 -2.17 11.66 19.32
N ILE A 536 -1.50 11.86 18.17
CA ILE A 536 -0.64 10.82 17.63
C ILE A 536 0.61 10.73 18.52
N LYS A 537 1.04 9.51 18.83
CA LYS A 537 2.18 9.33 19.71
C LYS A 537 3.23 8.40 19.10
N PRO A 538 4.48 8.56 19.52
CA PRO A 538 5.55 7.66 19.13
C PRO A 538 5.53 6.44 20.03
N ILE A 539 6.24 5.36 19.70
CA ILE A 539 6.30 4.22 20.62
C ILE A 539 7.25 4.57 21.78
N GLY A 540 7.06 3.88 22.89
CA GLY A 540 7.92 4.07 24.07
C GLY A 540 8.50 2.67 24.36
N THR A 541 8.72 2.33 25.63
CA THR A 541 9.23 0.99 25.92
C THR A 541 8.05 0.01 25.83
N VAL A 542 8.33 -1.27 25.71
CA VAL A 542 7.26 -2.28 25.67
C VAL A 542 6.42 -2.23 26.93
N GLN A 543 7.10 -2.19 28.08
CA GLN A 543 6.42 -2.13 29.37
C GLN A 543 5.58 -0.88 29.53
N ASP A 544 6.08 0.30 29.20
CA ASP A 544 5.35 1.54 29.33
C ASP A 544 4.12 1.56 28.42
N ASP A 545 4.32 1.12 27.18
CA ASP A 545 3.21 1.10 26.22
C ASP A 545 2.15 0.08 26.57
N ILE A 546 2.52 -1.13 27.00
CA ILE A 546 1.49 -2.10 27.40
C ILE A 546 0.67 -1.54 28.57
N ALA A 547 1.36 -1.01 29.59
CA ALA A 547 0.67 -0.44 30.75
C ALA A 547 -0.29 0.66 30.37
N ALA A 548 0.15 1.55 29.48
CA ALA A 548 -0.67 2.67 29.05
C ALA A 548 -1.87 2.20 28.24
N MET A 549 -1.64 1.32 27.29
CA MET A 549 -2.75 0.80 26.48
C MET A 549 -3.76 0.07 27.33
N MET A 550 -3.32 -0.71 28.33
CA MET A 550 -4.26 -1.42 29.19
C MET A 550 -5.08 -0.42 30.01
N ALA A 551 -4.58 0.78 30.24
CA ALA A 551 -5.29 1.85 30.92
C ALA A 551 -6.17 2.67 29.97
N GLY A 552 -6.18 2.30 28.68
CA GLY A 552 -6.95 3.03 27.70
C GLY A 552 -6.27 4.32 27.26
N LYS A 553 -4.96 4.42 27.46
CA LYS A 553 -4.23 5.63 27.10
C LYS A 553 -2.97 5.34 26.33
#